data_1KTJ
#
_entry.id   1KTJ
#
_cell.length_a   71.692
_cell.length_b   108.747
_cell.length_c   91.971
_cell.angle_alpha   90.00
_cell.angle_beta   90.00
_cell.angle_gamma   90.00
#
_symmetry.space_group_name_H-M   'P 2 2 21'
#
loop_
_entity.id
_entity.type
_entity.pdbx_description
1 polymer 'ALLERGEN DER P 2'
2 water water
#
_entity_poly.entity_id   1
_entity_poly.type   'polypeptide(L)'
_entity_poly.pdbx_seq_one_letter_code
;SEVDVKDCANHEIKKVLVPGCHGSEPCIIHRGKPFQLEAVFEANQNTKTAKIEIKASIDGLEVDVPGIDPNACHYMKCPL
VKGQQYDIKYTWNVPKIAPKSENVVVTVKVMGDDGVLACAIATHAKIRD
;
_entity_poly.pdbx_strand_id   A,B
#
# COMPACT_ATOMS: atom_id res chain seq x y z
N SER A 1 -14.94 -7.67 -13.69
CA SER A 1 -14.02 -6.55 -13.30
C SER A 1 -12.78 -6.64 -14.17
N GLU A 2 -12.87 -7.42 -15.26
CA GLU A 2 -11.81 -7.40 -16.26
C GLU A 2 -11.78 -6.05 -16.99
N VAL A 3 -10.61 -5.42 -17.01
CA VAL A 3 -10.45 -4.15 -17.68
C VAL A 3 -9.56 -4.27 -18.92
N ASP A 4 -9.76 -3.37 -19.88
CA ASP A 4 -8.95 -3.39 -21.10
C ASP A 4 -7.65 -2.62 -20.92
N VAL A 5 -6.52 -3.28 -21.17
CA VAL A 5 -5.21 -2.64 -21.08
C VAL A 5 -4.47 -2.93 -22.38
N LYS A 6 -3.48 -2.13 -22.73
CA LYS A 6 -2.71 -2.38 -23.94
C LYS A 6 -1.45 -3.17 -23.59
N ASP A 7 -1.29 -4.38 -24.11
CA ASP A 7 -0.07 -5.14 -23.83
C ASP A 7 1.13 -4.46 -24.50
N CYS A 8 2.28 -4.36 -23.84
CA CYS A 8 3.44 -3.80 -24.55
C CYS A 8 4.63 -4.75 -24.57
N ALA A 9 4.39 -6.05 -24.42
CA ALA A 9 5.48 -6.99 -24.55
C ALA A 9 5.10 -8.13 -25.55
N ASN A 10 4.64 -9.24 -25.01
CA ASN A 10 4.25 -10.39 -25.82
C ASN A 10 3.07 -11.12 -25.21
N HIS A 11 2.08 -10.38 -24.67
CA HIS A 11 0.84 -10.99 -24.19
C HIS A 11 1.01 -11.92 -23.00
N GLU A 12 2.02 -11.68 -22.14
CA GLU A 12 2.20 -12.45 -20.93
C GLU A 12 1.10 -12.20 -19.90
N ILE A 13 0.60 -10.96 -19.89
CA ILE A 13 -0.48 -10.56 -19.02
C ILE A 13 -1.75 -11.19 -19.57
N LYS A 14 -2.40 -12.04 -18.78
CA LYS A 14 -3.59 -12.73 -19.24
C LYS A 14 -4.85 -11.96 -18.87
N LYS A 15 -4.93 -11.48 -17.62
CA LYS A 15 -6.10 -10.67 -17.29
C LYS A 15 -5.86 -9.72 -16.08
N VAL A 16 -6.31 -8.46 -16.22
CA VAL A 16 -6.22 -7.46 -15.15
C VAL A 16 -7.64 -7.17 -14.65
N LEU A 17 -7.84 -7.42 -13.35
CA LEU A 17 -9.15 -7.23 -12.72
C LEU A 17 -9.14 -6.05 -11.76
N VAL A 18 -10.04 -5.09 -11.97
CA VAL A 18 -10.19 -3.98 -11.02
C VAL A 18 -11.64 -3.95 -10.56
N PRO A 19 -11.93 -4.30 -9.32
CA PRO A 19 -13.29 -4.28 -8.79
C PRO A 19 -13.97 -2.94 -9.04
N GLY A 20 -15.13 -2.92 -9.67
CA GLY A 20 -15.83 -1.66 -9.87
C GLY A 20 -15.51 -1.01 -11.21
N CYS A 21 -14.62 -1.61 -12.01
CA CYS A 21 -14.34 -1.11 -13.35
C CYS A 21 -14.51 -2.25 -14.35
N HIS A 22 -14.63 -1.93 -15.64
CA HIS A 22 -14.80 -3.01 -16.61
C HIS A 22 -14.54 -2.52 -18.03
N GLY A 23 -13.95 -3.40 -18.83
CA GLY A 23 -13.72 -3.08 -20.24
C GLY A 23 -12.97 -1.76 -20.38
N SER A 24 -13.41 -0.97 -21.35
CA SER A 24 -12.76 0.28 -21.69
C SER A 24 -13.57 1.50 -21.24
N GLU A 25 -14.54 1.30 -20.36
CA GLU A 25 -15.20 2.43 -19.71
C GLU A 25 -14.25 3.14 -18.75
N PRO A 26 -14.42 4.44 -18.59
CA PRO A 26 -13.74 5.21 -17.56
C PRO A 26 -13.71 4.50 -16.21
N CYS A 27 -12.51 4.22 -15.71
CA CYS A 27 -12.33 3.60 -14.41
C CYS A 27 -12.01 4.68 -13.37
N ILE A 28 -12.92 4.92 -12.43
CA ILE A 28 -12.78 6.10 -11.56
C ILE A 28 -11.93 5.75 -10.34
N ILE A 29 -10.85 6.49 -10.17
CA ILE A 29 -9.96 6.35 -9.02
C ILE A 29 -10.27 7.48 -8.04
N HIS A 30 -10.77 7.18 -6.85
CA HIS A 30 -11.11 8.21 -5.88
C HIS A 30 -9.96 8.53 -4.93
N ARG A 31 -9.60 9.80 -4.86
CA ARG A 31 -8.58 10.31 -3.95
C ARG A 31 -8.86 9.89 -2.51
N GLY A 32 -7.84 9.46 -1.78
CA GLY A 32 -8.03 9.12 -0.39
C GLY A 32 -8.63 7.75 -0.11
N LYS A 33 -8.90 6.93 -1.11
CA LYS A 33 -9.52 5.63 -0.99
C LYS A 33 -8.62 4.55 -1.57
N PRO A 34 -8.75 3.33 -1.05
CA PRO A 34 -8.02 2.19 -1.56
C PRO A 34 -8.43 1.85 -2.99
N PHE A 35 -7.48 1.38 -3.78
CA PHE A 35 -7.67 0.99 -5.15
C PHE A 35 -7.16 -0.45 -5.31
N GLN A 36 -8.08 -1.41 -5.45
CA GLN A 36 -7.68 -2.80 -5.52
C GLN A 36 -7.52 -3.24 -6.98
N LEU A 37 -6.50 -4.04 -7.20
CA LEU A 37 -6.32 -4.69 -8.49
C LEU A 37 -5.75 -6.10 -8.30
N GLU A 38 -5.97 -6.89 -9.32
CA GLU A 38 -5.48 -8.26 -9.41
C GLU A 38 -5.01 -8.50 -10.84
N ALA A 39 -3.87 -9.15 -10.99
CA ALA A 39 -3.37 -9.48 -12.32
C ALA A 39 -2.92 -10.93 -12.39
N VAL A 40 -3.20 -11.53 -13.55
CA VAL A 40 -2.78 -12.90 -13.79
C VAL A 40 -1.88 -12.86 -15.03
N PHE A 41 -0.67 -13.37 -14.89
CA PHE A 41 0.25 -13.40 -16.00
C PHE A 41 0.97 -14.77 -16.03
N GLU A 42 1.54 -15.06 -17.18
CA GLU A 42 2.31 -16.29 -17.37
C GLU A 42 3.80 -15.93 -17.41
N ALA A 43 4.61 -16.61 -16.62
CA ALA A 43 6.06 -16.31 -16.65
C ALA A 43 6.64 -16.72 -17.99
N ASN A 44 7.40 -15.82 -18.61
CA ASN A 44 8.02 -16.09 -19.90
C ASN A 44 9.47 -16.50 -19.73
N GLN A 45 9.89 -16.81 -18.49
CA GLN A 45 11.29 -17.06 -18.17
C GLN A 45 11.39 -17.60 -16.74
N ASN A 46 12.46 -18.35 -16.48
CA ASN A 46 12.77 -18.75 -15.11
C ASN A 46 13.54 -17.61 -14.44
N THR A 47 13.06 -17.15 -13.30
CA THR A 47 13.61 -15.92 -12.73
C THR A 47 13.45 -15.89 -11.21
N LYS A 48 14.54 -15.49 -10.57
CA LYS A 48 14.60 -15.30 -9.13
C LYS A 48 14.03 -13.95 -8.70
N THR A 49 14.07 -12.99 -9.61
CA THR A 49 13.67 -11.63 -9.31
C THR A 49 12.44 -11.24 -10.11
N ALA A 50 11.67 -10.28 -9.58
CA ALA A 50 10.56 -9.70 -10.35
C ALA A 50 10.34 -8.27 -9.86
N LYS A 51 10.87 -7.30 -10.57
CA LYS A 51 10.91 -5.92 -10.08
C LYS A 51 9.99 -5.02 -10.90
N ILE A 52 9.17 -4.25 -10.18
CA ILE A 52 8.14 -3.44 -10.81
C ILE A 52 8.58 -2.00 -11.01
N GLU A 53 8.35 -1.47 -12.20
CA GLU A 53 8.52 -0.06 -12.50
C GLU A 53 7.19 0.53 -12.98
N ILE A 54 6.76 1.60 -12.35
CA ILE A 54 5.51 2.27 -12.66
C ILE A 54 5.79 3.71 -13.13
N LYS A 55 5.13 4.08 -14.21
CA LYS A 55 5.24 5.43 -14.76
C LYS A 55 3.83 5.94 -15.00
N ALA A 56 3.46 7.04 -14.36
CA ALA A 56 2.14 7.61 -14.52
C ALA A 56 2.28 9.05 -15.06
N SER A 57 1.40 9.39 -15.99
CA SER A 57 1.36 10.77 -16.45
C SER A 57 -0.06 11.30 -16.38
N ILE A 58 -0.17 12.51 -15.81
CA ILE A 58 -1.42 13.21 -15.65
C ILE A 58 -1.42 14.40 -16.62
N ASP A 59 -2.35 14.35 -17.56
CA ASP A 59 -2.40 15.31 -18.66
C ASP A 59 -1.07 15.49 -19.34
N GLY A 60 -0.35 14.43 -19.67
CA GLY A 60 0.97 14.46 -20.25
C GLY A 60 2.11 14.79 -19.32
N LEU A 61 1.93 15.05 -18.04
CA LEU A 61 3.04 15.28 -17.13
C LEU A 61 3.30 14.07 -16.23
N GLU A 62 4.56 13.69 -16.14
CA GLU A 62 4.93 12.56 -15.30
C GLU A 62 4.85 12.89 -13.81
N VAL A 63 4.15 12.04 -13.05
CA VAL A 63 4.00 12.24 -11.62
C VAL A 63 4.48 11.01 -10.85
N ASP A 64 5.07 11.23 -9.68
CA ASP A 64 5.55 10.14 -8.85
C ASP A 64 4.41 9.29 -8.28
N VAL A 65 4.59 7.98 -8.31
CA VAL A 65 3.58 7.09 -7.71
C VAL A 65 4.17 6.52 -6.44
N PRO A 66 3.75 7.06 -5.29
CA PRO A 66 4.22 6.62 -4.00
C PRO A 66 3.54 5.34 -3.53
N GLY A 67 4.08 4.68 -2.53
CA GLY A 67 3.42 3.55 -1.89
C GLY A 67 3.50 2.24 -2.68
N ILE A 68 4.43 2.09 -3.61
CA ILE A 68 4.58 0.84 -4.33
C ILE A 68 5.83 0.10 -3.85
N ASP A 69 5.69 -1.14 -3.43
CA ASP A 69 6.87 -1.98 -3.15
C ASP A 69 7.39 -2.51 -4.47
N PRO A 70 8.62 -2.14 -4.85
CA PRO A 70 9.19 -2.53 -6.13
C PRO A 70 9.46 -4.03 -6.26
N ASN A 71 9.59 -4.76 -5.16
CA ASN A 71 9.87 -6.18 -5.20
C ASN A 71 8.57 -6.97 -5.26
N ALA A 72 8.17 -7.37 -6.47
CA ALA A 72 6.98 -8.21 -6.64
C ALA A 72 7.08 -9.58 -5.99
N CYS A 73 8.31 -10.04 -5.65
CA CYS A 73 8.48 -11.37 -5.03
C CYS A 73 8.07 -11.34 -3.56
N HIS A 74 7.76 -10.20 -3.01
CA HIS A 74 7.30 -10.16 -1.63
C HIS A 74 5.87 -10.78 -1.56
N TYR A 75 5.08 -10.58 -2.67
CA TYR A 75 3.64 -10.96 -2.88
C TYR A 75 3.37 -12.22 -3.77
N MET A 76 4.46 -12.83 -4.25
CA MET A 76 4.35 -14.06 -5.03
C MET A 76 5.38 -15.07 -4.51
N LYS A 77 5.27 -16.26 -5.04
CA LYS A 77 6.16 -17.38 -4.75
C LYS A 77 7.30 -17.47 -5.76
N CYS A 78 8.35 -16.69 -5.54
CA CYS A 78 9.55 -16.74 -6.38
C CYS A 78 10.44 -17.87 -5.84
N PRO A 79 11.30 -18.44 -6.67
CA PRO A 79 11.48 -18.05 -8.04
C PRO A 79 10.33 -18.39 -8.98
N LEU A 80 10.23 -17.66 -10.09
CA LEU A 80 9.17 -17.93 -11.06
C LEU A 80 9.60 -19.00 -12.06
N VAL A 81 8.62 -19.82 -12.46
CA VAL A 81 8.84 -20.93 -13.37
C VAL A 81 8.23 -20.64 -14.73
N LYS A 82 9.04 -20.72 -15.78
CA LYS A 82 8.61 -20.46 -17.14
C LYS A 82 7.42 -21.33 -17.53
N GLY A 83 6.39 -20.68 -18.08
CA GLY A 83 5.18 -21.39 -18.50
C GLY A 83 4.13 -21.48 -17.41
N GLN A 84 4.46 -21.22 -16.16
CA GLN A 84 3.49 -21.20 -15.08
C GLN A 84 2.77 -19.84 -15.01
N GLN A 85 1.53 -19.88 -14.55
CA GLN A 85 0.73 -18.69 -14.35
C GLN A 85 0.72 -18.25 -12.89
N TYR A 86 0.95 -16.96 -12.68
CA TYR A 86 0.96 -16.39 -11.34
C TYR A 86 -0.15 -15.36 -11.18
N ASP A 87 -0.66 -15.22 -9.97
CA ASP A 87 -1.70 -14.25 -9.66
C ASP A 87 -1.17 -13.28 -8.62
N ILE A 88 -1.31 -11.98 -8.85
CA ILE A 88 -0.88 -11.01 -7.84
C ILE A 88 -2.01 -10.06 -7.51
N LYS A 89 -2.23 -9.90 -6.20
CA LYS A 89 -3.27 -9.02 -5.69
C LYS A 89 -2.64 -7.90 -4.87
N TYR A 90 -3.06 -6.67 -5.09
CA TYR A 90 -2.44 -5.54 -4.40
C TYR A 90 -3.49 -4.43 -4.21
N THR A 91 -3.49 -3.83 -3.02
CA THR A 91 -4.30 -2.63 -2.81
C THR A 91 -3.42 -1.39 -2.72
N TRP A 92 -3.64 -0.45 -3.65
CA TRP A 92 -2.90 0.80 -3.64
C TRP A 92 -3.67 1.89 -2.92
N ASN A 93 -3.02 2.65 -2.05
CA ASN A 93 -3.71 3.77 -1.37
C ASN A 93 -3.64 5.04 -2.21
N VAL A 94 -4.76 5.49 -2.76
CA VAL A 94 -4.76 6.71 -3.56
C VAL A 94 -4.55 7.93 -2.66
N PRO A 95 -3.45 8.65 -2.87
CA PRO A 95 -3.18 9.86 -2.12
C PRO A 95 -4.41 10.74 -2.06
N LYS A 96 -4.66 11.30 -0.88
CA LYS A 96 -5.73 12.27 -0.68
C LYS A 96 -5.55 13.52 -1.55
N ILE A 97 -4.32 13.79 -1.92
CA ILE A 97 -3.82 14.98 -2.57
C ILE A 97 -3.50 14.78 -4.04
N ALA A 98 -3.81 13.61 -4.60
CA ALA A 98 -3.50 13.38 -6.02
C ALA A 98 -4.23 14.43 -6.87
N PRO A 99 -3.56 14.98 -7.86
CA PRO A 99 -4.18 15.88 -8.82
C PRO A 99 -5.32 15.23 -9.59
N LYS A 100 -6.48 15.88 -9.61
CA LYS A 100 -7.58 15.40 -10.45
C LYS A 100 -7.24 15.50 -11.93
N SER A 101 -7.68 14.52 -12.72
CA SER A 101 -7.40 14.50 -14.15
C SER A 101 -8.32 13.50 -14.85
N GLU A 102 -8.59 13.80 -16.11
CA GLU A 102 -9.45 12.97 -16.96
C GLU A 102 -8.61 12.40 -18.10
N ASN A 103 -7.30 12.61 -18.01
CA ASN A 103 -6.36 12.10 -19.02
C ASN A 103 -5.13 11.50 -18.35
N VAL A 104 -5.26 10.22 -17.99
CA VAL A 104 -4.26 9.52 -17.19
C VAL A 104 -3.73 8.34 -17.98
N VAL A 105 -2.41 8.20 -18.01
CA VAL A 105 -1.79 7.07 -18.69
C VAL A 105 -0.82 6.40 -17.71
N VAL A 106 -1.07 5.11 -17.44
CA VAL A 106 -0.24 4.36 -16.51
C VAL A 106 0.48 3.24 -17.25
N THR A 107 1.80 3.19 -17.12
CA THR A 107 2.60 2.15 -17.75
C THR A 107 3.28 1.31 -16.67
N VAL A 108 3.00 0.01 -16.61
CA VAL A 108 3.76 -0.78 -15.62
C VAL A 108 4.58 -1.84 -16.33
N LYS A 109 5.85 -1.92 -15.92
CA LYS A 109 6.82 -2.82 -16.53
C LYS A 109 7.43 -3.69 -15.43
N VAL A 110 7.46 -4.99 -15.65
CA VAL A 110 7.99 -5.91 -14.66
C VAL A 110 9.24 -6.57 -15.27
N MET A 111 10.36 -6.44 -14.60
CA MET A 111 11.62 -6.99 -15.08
C MET A 111 12.02 -8.23 -14.28
N GLY A 112 12.51 -9.24 -14.97
CA GLY A 112 13.05 -10.43 -14.32
C GLY A 112 14.54 -10.58 -14.60
N ASP A 113 15.13 -11.73 -14.28
CA ASP A 113 16.56 -11.94 -14.49
C ASP A 113 16.94 -11.83 -15.96
N ASP A 114 16.14 -12.40 -16.85
CA ASP A 114 16.43 -12.40 -18.28
C ASP A 114 15.63 -11.39 -19.09
N GLY A 115 15.21 -10.26 -18.55
CA GLY A 115 14.51 -9.25 -19.31
C GLY A 115 13.06 -9.05 -18.88
N VAL A 116 12.26 -8.35 -19.69
CA VAL A 116 10.92 -7.96 -19.31
C VAL A 116 10.05 -9.19 -19.10
N LEU A 117 9.32 -9.21 -18.00
CA LEU A 117 8.35 -10.26 -17.70
C LEU A 117 6.97 -9.89 -18.24
N ALA A 118 6.65 -8.61 -18.14
CA ALA A 118 5.29 -8.15 -18.45
C ALA A 118 5.32 -6.65 -18.66
N CYS A 119 4.42 -6.18 -19.52
CA CYS A 119 4.31 -4.75 -19.80
C CYS A 119 2.84 -4.48 -20.12
N ALA A 120 2.25 -3.50 -19.47
CA ALA A 120 0.89 -3.08 -19.82
C ALA A 120 0.75 -1.56 -19.72
N ILE A 121 -0.05 -0.99 -20.61
CA ILE A 121 -0.40 0.42 -20.64
C ILE A 121 -1.90 0.54 -20.39
N ALA A 122 -2.29 1.33 -19.42
CA ALA A 122 -3.72 1.54 -19.12
C ALA A 122 -4.08 3.01 -19.35
N THR A 123 -5.13 3.30 -20.09
CA THR A 123 -5.43 4.67 -20.50
C THR A 123 -6.79 5.15 -20.03
N HIS A 124 -7.54 4.32 -19.28
CA HIS A 124 -8.91 4.69 -18.95
C HIS A 124 -9.09 5.16 -17.51
N ALA A 125 -8.01 5.35 -16.73
CA ALA A 125 -8.22 5.78 -15.35
C ALA A 125 -8.50 7.29 -15.33
N LYS A 126 -9.39 7.70 -14.42
CA LYS A 126 -9.71 9.08 -14.19
C LYS A 126 -9.55 9.33 -12.68
N ILE A 127 -8.85 10.39 -12.30
CA ILE A 127 -8.70 10.68 -10.88
C ILE A 127 -9.68 11.76 -10.46
N ARG A 128 -10.62 11.39 -9.58
CA ARG A 128 -11.59 12.32 -9.13
C ARG A 128 -11.75 12.30 -7.60
N ASP A 129 -12.60 13.25 -7.17
CA ASP A 129 -13.02 13.58 -5.82
C ASP A 129 -12.39 14.91 -5.37
N SER B 1 -12.99 -2.85 14.79
CA SER B 1 -13.45 -1.93 15.89
C SER B 1 -12.24 -1.26 16.52
N GLU B 2 -12.43 -0.61 17.66
CA GLU B 2 -11.29 0.02 18.32
C GLU B 2 -10.38 -1.03 18.93
N VAL B 3 -9.08 -0.89 18.72
CA VAL B 3 -8.10 -1.80 19.29
C VAL B 3 -7.23 -1.05 20.29
N ASP B 4 -6.52 -1.78 21.15
CA ASP B 4 -5.75 -1.16 22.21
C ASP B 4 -4.29 -1.03 21.82
N VAL B 5 -3.75 0.13 22.12
CA VAL B 5 -2.38 0.51 21.75
C VAL B 5 -1.74 1.17 22.95
N LYS B 6 -0.44 1.04 23.17
CA LYS B 6 0.21 1.85 24.21
C LYS B 6 0.70 3.17 23.59
N ASP B 7 0.33 4.29 24.18
CA ASP B 7 0.82 5.58 23.68
C ASP B 7 2.23 5.79 24.17
N CYS B 8 3.12 6.34 23.35
CA CYS B 8 4.49 6.58 23.78
C CYS B 8 4.86 8.04 23.52
N ALA B 9 3.85 8.89 23.38
CA ALA B 9 4.10 10.32 23.18
C ALA B 9 3.50 11.20 24.28
N ASN B 10 2.31 11.70 24.01
CA ASN B 10 1.55 12.53 24.95
C ASN B 10 0.07 12.47 24.67
N HIS B 11 -0.38 11.30 24.23
CA HIS B 11 -1.80 10.98 24.09
C HIS B 11 -2.48 11.75 22.97
N GLU B 12 -1.72 12.07 21.93
CA GLU B 12 -2.28 12.68 20.72
C GLU B 12 -3.17 11.72 19.94
N ILE B 13 -2.85 10.42 19.93
CA ILE B 13 -3.71 9.44 19.28
C ILE B 13 -4.97 9.21 20.10
N LYS B 14 -6.12 9.31 19.45
CA LYS B 14 -7.42 9.20 20.12
C LYS B 14 -8.04 7.82 19.96
N LYS B 15 -8.02 7.27 18.75
CA LYS B 15 -8.50 5.91 18.56
C LYS B 15 -7.83 5.27 17.35
N VAL B 16 -7.56 3.97 17.48
CA VAL B 16 -7.08 3.14 16.39
C VAL B 16 -8.13 2.07 16.13
N LEU B 17 -8.55 1.98 14.87
CA LEU B 17 -9.56 1.04 14.45
C LEU B 17 -9.03 0.02 13.43
N VAL B 18 -9.31 -1.25 13.65
CA VAL B 18 -9.01 -2.28 12.66
C VAL B 18 -10.23 -3.18 12.51
N PRO B 19 -10.73 -3.34 11.29
CA PRO B 19 -11.97 -4.07 11.08
C PRO B 19 -11.77 -5.54 11.42
N GLY B 20 -12.67 -6.13 12.18
CA GLY B 20 -12.54 -7.50 12.63
C GLY B 20 -11.66 -7.66 13.86
N CYS B 21 -11.08 -6.59 14.40
CA CYS B 21 -10.23 -6.68 15.58
C CYS B 21 -10.82 -5.84 16.71
N HIS B 22 -10.70 -6.35 17.94
CA HIS B 22 -11.34 -5.75 19.11
C HIS B 22 -10.38 -5.61 20.29
N GLY B 23 -10.28 -4.40 20.83
CA GLY B 23 -9.57 -4.19 22.09
C GLY B 23 -8.21 -4.88 22.07
N SER B 24 -7.99 -5.75 23.03
CA SER B 24 -6.74 -6.48 23.20
C SER B 24 -6.83 -7.93 22.74
N GLU B 25 -7.87 -8.31 22.01
CA GLU B 25 -7.91 -9.66 21.45
C GLU B 25 -6.87 -9.80 20.35
N PRO B 26 -6.41 -11.03 20.12
CA PRO B 26 -5.43 -11.31 19.09
C PRO B 26 -5.92 -10.74 17.76
N CYS B 27 -5.14 -9.83 17.16
CA CYS B 27 -5.59 -9.26 15.89
C CYS B 27 -4.77 -9.88 14.76
N ILE B 28 -5.43 -10.63 13.88
CA ILE B 28 -4.74 -11.55 12.99
C ILE B 28 -4.40 -10.89 11.65
N ILE B 29 -3.11 -10.86 11.37
CA ILE B 29 -2.62 -10.36 10.09
C ILE B 29 -2.41 -11.55 9.16
N HIS B 30 -3.12 -11.63 8.03
CA HIS B 30 -2.92 -12.76 7.12
C HIS B 30 -1.90 -12.50 6.03
N ARG B 31 -0.96 -13.43 5.86
CA ARG B 31 0.03 -13.37 4.81
C ARG B 31 -0.63 -13.26 3.44
N GLY B 32 -0.18 -12.30 2.63
CA GLY B 32 -0.70 -12.16 1.28
C GLY B 32 -2.06 -11.49 1.18
N LYS B 33 -2.55 -10.88 2.25
CA LYS B 33 -3.84 -10.23 2.29
C LYS B 33 -3.69 -8.78 2.76
N PRO B 34 -4.65 -7.94 2.41
CA PRO B 34 -4.67 -6.56 2.83
C PRO B 34 -4.95 -6.42 4.32
N PHE B 35 -4.25 -5.53 4.99
CA PHE B 35 -4.50 -5.19 6.38
C PHE B 35 -4.95 -3.74 6.49
N GLN B 36 -6.22 -3.50 6.78
CA GLN B 36 -6.79 -2.16 6.81
C GLN B 36 -6.66 -1.52 8.19
N LEU B 37 -6.33 -0.23 8.22
CA LEU B 37 -6.29 0.44 9.51
C LEU B 37 -6.69 1.91 9.41
N GLU B 38 -7.24 2.40 10.52
CA GLU B 38 -7.72 3.77 10.59
C GLU B 38 -7.32 4.35 11.94
N ALA B 39 -6.89 5.60 11.95
CA ALA B 39 -6.46 6.26 13.17
C ALA B 39 -6.86 7.74 13.16
N VAL B 40 -7.32 8.21 14.31
CA VAL B 40 -7.58 9.64 14.48
C VAL B 40 -6.71 10.17 15.60
N PHE B 41 -6.04 11.28 15.29
CA PHE B 41 -5.14 11.91 16.25
C PHE B 41 -5.39 13.42 16.27
N GLU B 42 -4.85 14.07 17.28
CA GLU B 42 -4.95 15.53 17.38
C GLU B 42 -3.60 16.18 17.13
N ALA B 43 -3.49 17.06 16.15
CA ALA B 43 -2.21 17.75 15.92
C ALA B 43 -1.82 18.57 17.15
N ASN B 44 -0.60 18.38 17.63
CA ASN B 44 -0.09 19.10 18.79
C ASN B 44 0.84 20.24 18.41
N GLN B 45 0.82 20.61 17.14
CA GLN B 45 1.80 21.55 16.60
C GLN B 45 1.33 22.01 15.23
N ASN B 46 1.78 23.19 14.78
CA ASN B 46 1.55 23.52 13.38
C ASN B 46 2.68 22.88 12.59
N THR B 47 2.37 22.14 11.53
CA THR B 47 3.45 21.47 10.81
C THR B 47 3.08 21.25 9.36
N LYS B 48 4.06 21.44 8.48
CA LYS B 48 3.86 21.19 7.05
C LYS B 48 4.31 19.78 6.71
N THR B 49 4.99 19.16 7.66
CA THR B 49 5.58 17.84 7.54
C THR B 49 4.92 16.83 8.46
N ALA B 50 4.91 15.56 8.06
CA ALA B 50 4.46 14.48 8.93
C ALA B 50 4.99 13.17 8.33
N LYS B 51 6.09 12.69 8.90
CA LYS B 51 6.81 11.57 8.32
C LYS B 51 6.76 10.39 9.29
N ILE B 52 6.51 9.21 8.75
CA ILE B 52 6.30 8.01 9.53
C ILE B 52 7.55 7.16 9.60
N GLU B 53 7.85 6.65 10.79
CA GLU B 53 8.83 5.59 10.98
C GLU B 53 8.11 4.42 11.66
N ILE B 54 8.26 3.23 11.12
CA ILE B 54 7.76 2.00 11.69
C ILE B 54 8.95 1.16 12.13
N LYS B 55 8.90 0.52 13.30
CA LYS B 55 9.80 -0.59 13.58
C LYS B 55 8.92 -1.80 13.95
N ALA B 56 9.24 -2.96 13.42
CA ALA B 56 8.54 -4.18 13.79
C ALA B 56 9.51 -5.21 14.34
N SER B 57 9.05 -5.95 15.35
CA SER B 57 9.84 -7.01 15.96
C SER B 57 9.01 -8.28 16.04
N ILE B 58 9.63 -9.37 15.59
CA ILE B 58 9.00 -10.67 15.51
C ILE B 58 9.83 -11.63 16.38
N ASP B 59 9.20 -12.11 17.44
CA ASP B 59 9.86 -12.91 18.47
C ASP B 59 11.14 -12.27 18.97
N GLY B 60 11.15 -10.97 19.24
CA GLY B 60 12.33 -10.23 19.60
C GLY B 60 13.37 -9.90 18.55
N LEU B 61 13.12 -10.09 17.25
CA LEU B 61 14.08 -9.70 16.22
C LEU B 61 13.47 -8.66 15.29
N GLU B 62 14.14 -7.54 15.11
CA GLU B 62 13.63 -6.49 14.22
C GLU B 62 13.64 -6.98 12.78
N VAL B 63 12.56 -6.72 12.07
CA VAL B 63 12.45 -7.02 10.65
C VAL B 63 11.95 -5.80 9.88
N ASP B 64 12.49 -5.60 8.69
CA ASP B 64 12.11 -4.42 7.89
C ASP B 64 10.69 -4.56 7.40
N VAL B 65 9.92 -3.47 7.43
CA VAL B 65 8.55 -3.46 6.93
C VAL B 65 8.46 -2.73 5.60
N PRO B 66 8.17 -3.46 4.52
CA PRO B 66 8.11 -2.86 3.19
C PRO B 66 6.73 -2.30 2.90
N GLY B 67 6.58 -1.46 1.89
CA GLY B 67 5.27 -1.10 1.35
C GLY B 67 4.66 0.06 2.11
N ILE B 68 5.49 0.81 2.82
CA ILE B 68 5.04 1.90 3.66
C ILE B 68 5.49 3.23 3.04
N ASP B 69 4.53 4.11 2.81
CA ASP B 69 4.87 5.45 2.33
C ASP B 69 5.18 6.33 3.52
N PRO B 70 6.42 6.75 3.67
CA PRO B 70 6.85 7.53 4.83
C PRO B 70 6.26 8.93 4.87
N ASN B 71 5.75 9.47 3.78
CA ASN B 71 5.09 10.77 3.82
C ASN B 71 3.62 10.66 4.18
N ALA B 72 3.27 10.93 5.44
CA ALA B 72 1.89 10.84 5.90
C ALA B 72 1.02 11.95 5.35
N CYS B 73 1.61 13.08 4.92
CA CYS B 73 0.86 14.13 4.25
C CYS B 73 0.25 13.71 2.94
N HIS B 74 0.66 12.61 2.31
CA HIS B 74 -0.05 12.07 1.15
C HIS B 74 -1.49 11.68 1.46
N TYR B 75 -1.82 11.35 2.72
CA TYR B 75 -3.10 10.79 3.11
C TYR B 75 -3.87 11.71 4.04
N MET B 76 -3.44 12.97 4.10
CA MET B 76 -4.06 14.00 4.92
C MET B 76 -3.94 15.35 4.21
N LYS B 77 -4.64 16.37 4.70
CA LYS B 77 -4.48 17.73 4.16
C LYS B 77 -3.51 18.52 5.02
N CYS B 78 -2.22 18.44 4.69
CA CYS B 78 -1.21 19.26 5.37
C CYS B 78 -1.19 20.63 4.71
N PRO B 79 -0.68 21.64 5.39
CA PRO B 79 -0.11 21.49 6.72
C PRO B 79 -1.15 21.20 7.78
N LEU B 80 -0.70 20.66 8.91
CA LEU B 80 -1.59 20.37 10.02
C LEU B 80 -1.71 21.58 10.94
N VAL B 81 -2.91 21.83 11.46
CA VAL B 81 -3.10 22.92 12.41
C VAL B 81 -3.20 22.40 13.85
N LYS B 82 -2.34 22.87 14.73
CA LYS B 82 -2.39 22.53 16.14
C LYS B 82 -3.82 22.56 16.68
N GLY B 83 -4.20 21.52 17.41
CA GLY B 83 -5.53 21.45 17.99
C GLY B 83 -6.58 20.82 17.11
N GLN B 84 -6.42 20.76 15.79
CA GLN B 84 -7.36 20.02 14.97
C GLN B 84 -7.09 18.52 15.03
N GLN B 85 -8.17 17.74 14.87
CA GLN B 85 -8.12 16.31 14.79
C GLN B 85 -8.11 15.84 13.34
N TYR B 86 -7.23 14.88 13.04
CA TYR B 86 -7.14 14.32 11.70
C TYR B 86 -7.40 12.81 11.73
N ASP B 87 -7.98 12.31 10.66
CA ASP B 87 -8.24 10.89 10.48
C ASP B 87 -7.42 10.32 9.33
N ILE B 88 -6.63 9.27 9.55
CA ILE B 88 -5.89 8.67 8.44
C ILE B 88 -6.28 7.21 8.22
N LYS B 89 -6.55 6.87 6.96
CA LYS B 89 -6.92 5.52 6.57
C LYS B 89 -5.89 4.94 5.59
N TYR B 90 -5.45 3.72 5.85
CA TYR B 90 -4.36 3.12 5.09
C TYR B 90 -4.55 1.60 5.06
N THR B 91 -4.45 1.02 3.88
CA THR B 91 -4.44 -0.43 3.67
C THR B 91 -3.02 -0.89 3.34
N TRP B 92 -2.44 -1.71 4.21
CA TRP B 92 -1.13 -2.28 4.00
C TRP B 92 -1.24 -3.66 3.37
N ASN B 93 -0.39 -3.97 2.40
CA ASN B 93 -0.36 -5.29 1.80
C ASN B 93 0.59 -6.22 2.55
N VAL B 94 0.05 -7.27 3.19
CA VAL B 94 0.93 -8.16 3.96
C VAL B 94 1.71 -9.08 3.01
N PRO B 95 3.03 -8.95 3.00
CA PRO B 95 3.86 -9.83 2.21
C PRO B 95 3.44 -11.28 2.36
N LYS B 96 3.43 -12.03 1.27
CA LYS B 96 3.16 -13.45 1.25
C LYS B 96 4.21 -14.25 2.01
N ILE B 97 5.39 -13.67 2.13
CA ILE B 97 6.59 -14.29 2.67
C ILE B 97 6.93 -13.80 4.07
N ALA B 98 6.01 -13.11 4.72
CA ALA B 98 6.26 -12.57 6.07
C ALA B 98 6.37 -13.76 7.02
N PRO B 99 7.38 -13.75 7.88
CA PRO B 99 7.53 -14.77 8.92
C PRO B 99 6.32 -14.85 9.84
N LYS B 100 5.78 -16.03 10.03
CA LYS B 100 4.70 -16.27 10.98
C LYS B 100 5.17 -16.16 12.42
N SER B 101 4.33 -15.57 13.28
CA SER B 101 4.73 -15.35 14.66
C SER B 101 3.52 -15.02 15.54
N GLU B 102 3.63 -15.39 16.81
CA GLU B 102 2.62 -15.04 17.81
C GLU B 102 3.19 -14.00 18.78
N ASN B 103 4.41 -13.55 18.53
CA ASN B 103 4.98 -12.49 19.38
C ASN B 103 5.52 -11.33 18.54
N VAL B 104 4.61 -10.38 18.28
CA VAL B 104 4.81 -9.30 17.33
C VAL B 104 4.63 -7.98 18.07
N VAL B 105 5.63 -7.13 17.97
CA VAL B 105 5.60 -5.79 18.52
C VAL B 105 5.79 -4.79 17.40
N VAL B 106 4.85 -3.86 17.24
CA VAL B 106 4.97 -2.81 16.22
C VAL B 106 5.06 -1.44 16.87
N THR B 107 6.00 -0.60 16.44
CA THR B 107 6.15 0.75 16.95
C THR B 107 6.04 1.78 15.83
N VAL B 108 5.10 2.71 15.96
CA VAL B 108 4.93 3.72 14.90
C VAL B 108 5.15 5.10 15.51
N LYS B 109 6.10 5.84 14.95
CA LYS B 109 6.33 7.21 15.39
C LYS B 109 6.08 8.15 14.21
N VAL B 110 5.35 9.24 14.48
CA VAL B 110 5.15 10.27 13.46
C VAL B 110 5.89 11.54 13.88
N MET B 111 6.71 12.06 12.98
CA MET B 111 7.57 13.20 13.31
C MET B 111 7.11 14.42 12.51
N GLY B 112 6.93 15.54 13.18
CA GLY B 112 6.55 16.79 12.51
C GLY B 112 7.72 17.78 12.46
N ASP B 113 7.42 19.02 12.05
CA ASP B 113 8.47 20.02 11.93
C ASP B 113 9.20 20.22 13.26
N ASP B 114 8.44 20.55 14.30
CA ASP B 114 9.00 20.77 15.62
C ASP B 114 8.64 19.67 16.60
N GLY B 115 9.04 18.42 16.34
CA GLY B 115 8.91 17.35 17.31
C GLY B 115 7.96 16.22 16.97
N VAL B 116 7.86 15.24 17.84
CA VAL B 116 7.00 14.07 17.66
C VAL B 116 5.52 14.45 17.59
N LEU B 117 4.84 14.02 16.54
CA LEU B 117 3.41 14.24 16.38
C LEU B 117 2.59 13.16 17.08
N ALA B 118 3.11 11.93 17.07
CA ALA B 118 2.38 10.81 17.67
C ALA B 118 3.27 9.59 17.77
N CYS B 119 2.95 8.70 18.70
CA CYS B 119 3.74 7.48 18.95
C CYS B 119 2.79 6.45 19.56
N ALA B 120 2.85 5.24 19.02
CA ALA B 120 2.02 4.15 19.48
C ALA B 120 2.78 2.83 19.40
N ILE B 121 2.61 1.95 20.38
CA ILE B 121 3.16 0.60 20.36
C ILE B 121 2.02 -0.41 20.41
N ALA B 122 2.07 -1.40 19.52
CA ALA B 122 0.97 -2.35 19.38
C ALA B 122 1.51 -3.76 19.59
N THR B 123 0.93 -4.51 20.52
CA THR B 123 1.50 -5.78 20.91
C THR B 123 0.59 -6.98 20.67
N HIS B 124 -0.59 -6.81 20.09
CA HIS B 124 -1.53 -7.91 19.94
C HIS B 124 -1.70 -8.45 18.53
N ALA B 125 -0.88 -8.03 17.57
CA ALA B 125 -1.00 -8.56 16.22
C ALA B 125 -0.36 -9.95 16.13
N LYS B 126 -0.95 -10.88 15.40
CA LYS B 126 -0.28 -12.14 15.12
C LYS B 126 -0.21 -12.33 13.60
N ILE B 127 0.93 -12.79 13.12
CA ILE B 127 1.09 -13.09 11.70
C ILE B 127 0.90 -14.58 11.44
N ARG B 128 -0.12 -14.92 10.67
CA ARG B 128 -0.48 -16.29 10.35
C ARG B 128 -0.72 -16.47 8.85
N ASP B 129 -0.89 -17.70 8.39
CA ASP B 129 -1.33 -18.10 7.08
C ASP B 129 -0.21 -18.68 6.19
#